data_9DFF
#
_entry.id   9DFF
#
_cell.length_a   73.067
_cell.length_b   64.943
_cell.length_c   112.206
_cell.angle_alpha   90.000
_cell.angle_beta   109.327
_cell.angle_gamma   90.000
#
_symmetry.space_group_name_H-M   'P 1 21 1'
#
loop_
_entity.id
_entity.type
_entity.pdbx_description
1 polymer 'Aggrecan core protein'
2 branched '4-deoxy-alpha-L-threo-hex-4-enopyranuronic acid-(1-3)-2-acetamido-2-deoxy-beta-D-glucopyranose-(1-4)-beta-D-glucopyranuronic acid-(1-3)-2-acetamido-2-deoxy-beta-D-glucopyranose-(1-4)-beta-D-glucopyranuronic acid-(1-3)-2-acetamido-2-deoxy-beta-D-glucopyranose-(1-4)-beta-D-glucopyranuronic acid-(1-3)-2-acetamido-2-deoxy-beta-D-glucopyranose-(1-4)-beta-D-glucopyranuronic acid-(1-3)-2-acetamido-2-deoxy-beta-D-glucopyranose'
3 non-polymer 2-acetamido-2-deoxy-beta-D-glucopyranose
4 water water
#
_entity_poly.entity_id   1
_entity_poly.type   'polypeptide(L)'
_entity_poly.pdbx_seq_one_letter_code
;GPGSETSDHDNSLSVSIPQPSPLRVLLGTSLTIPCYFIDPMHPVTTAPSTAPLAPRIKWSRVSKEKEVVLLVATEGRVRV
NSAYQDKVSLPNYPAIPSDATLEVQSLRSNDSGVYRCEVMHGIEDSEATLEVVVKGIVFHYRAISTRYTLDFDRAQRACL
QNSAIIATPEQLQAAYEDGFHQCDAGWLADQTVRYPIHTPREGCYGDKDEFPGVRTYGIRDTNETYDVYCFAEEMEGEVF
YATSPEKFTFQEAANECRRLGARLATTGQLYLAWQAGMDMCSAGWLADRSVRYPISKARPNCGGNLLGVRTVYVHANQTG
YPDPSSRYDAICYTG
;
_entity_poly.pdbx_strand_id   A,B
#
# COMPACT_ATOMS: atom_id res chain seq x y z
N SER A 14 8.47 -57.57 1.04
CA SER A 14 7.02 -57.43 0.92
C SER A 14 6.43 -56.62 2.07
N VAL A 15 6.92 -55.40 2.23
CA VAL A 15 6.49 -54.50 3.29
C VAL A 15 5.26 -53.73 2.80
N SER A 16 4.25 -53.62 3.65
CA SER A 16 3.03 -52.92 3.29
C SER A 16 2.50 -52.14 4.48
N ILE A 17 1.91 -50.97 4.21
CA ILE A 17 1.17 -50.19 5.17
C ILE A 17 -0.28 -50.12 4.71
N PRO A 18 -1.18 -50.88 5.33
CA PRO A 18 -2.57 -50.95 4.86
C PRO A 18 -3.40 -49.74 5.28
N GLN A 19 -2.96 -48.55 4.84
CA GLN A 19 -3.64 -47.31 5.15
C GLN A 19 -3.62 -46.39 3.94
N PRO A 20 -4.74 -45.72 3.66
CA PRO A 20 -4.74 -44.70 2.60
C PRO A 20 -3.84 -43.53 2.97
N SER A 21 -3.28 -42.90 1.93
CA SER A 21 -2.38 -41.77 2.10
C SER A 21 -2.95 -40.54 1.39
N PRO A 22 -2.86 -39.35 2.00
CA PRO A 22 -2.25 -39.08 3.31
C PRO A 22 -3.14 -39.45 4.49
N LEU A 23 -2.59 -39.31 5.70
CA LEU A 23 -3.32 -39.49 6.94
C LEU A 23 -3.27 -38.18 7.71
N ARG A 24 -4.44 -37.65 8.06
CA ARG A 24 -4.57 -36.34 8.69
C ARG A 24 -5.06 -36.52 10.12
N VAL A 25 -4.21 -36.14 11.08
CA VAL A 25 -4.51 -36.28 12.50
C VAL A 25 -4.25 -34.95 13.19
N LEU A 26 -4.83 -34.80 14.39
CA LEU A 26 -4.77 -33.53 15.09
C LEU A 26 -3.49 -33.41 15.90
N LEU A 27 -3.10 -32.16 16.15
CA LEU A 27 -1.97 -31.87 17.01
C LEU A 27 -2.23 -32.37 18.42
N GLY A 28 -1.21 -32.97 19.03
CA GLY A 28 -1.29 -33.44 20.39
C GLY A 28 -1.81 -34.86 20.57
N THR A 29 -2.25 -35.52 19.51
CA THR A 29 -2.76 -36.87 19.60
C THR A 29 -1.63 -37.89 19.49
N SER A 30 -1.98 -39.17 19.53
CA SER A 30 -1.02 -40.26 19.43
C SER A 30 -1.30 -41.05 18.16
N LEU A 31 -0.25 -41.30 17.39
CA LEU A 31 -0.35 -41.93 16.08
C LEU A 31 0.06 -43.40 16.15
N THR A 32 -0.54 -44.21 15.28
CA THR A 32 -0.18 -45.62 15.15
C THR A 32 -0.19 -45.97 13.67
N ILE A 33 0.95 -46.35 13.14
CA ILE A 33 1.08 -46.73 11.74
C ILE A 33 1.35 -48.23 11.65
N PRO A 34 0.36 -49.04 11.32
CA PRO A 34 0.61 -50.49 11.17
C PRO A 34 1.51 -50.77 9.99
N CYS A 35 2.53 -51.59 10.22
CA CYS A 35 3.44 -52.02 9.16
C CYS A 35 3.69 -53.50 9.30
N TYR A 36 3.42 -54.26 8.24
CA TYR A 36 3.62 -55.69 8.23
C TYR A 36 4.50 -56.08 7.06
N PHE A 37 5.16 -57.23 7.18
CA PHE A 37 6.07 -57.69 6.16
C PHE A 37 6.16 -59.21 6.21
N ILE A 38 6.68 -59.79 5.13
CA ILE A 38 6.88 -61.23 5.04
C ILE A 38 8.28 -61.53 4.53
N ALA A 54 16.05 -61.50 13.28
CA ALA A 54 16.99 -61.53 12.16
C ALA A 54 16.76 -60.40 11.14
N PRO A 55 15.52 -60.11 10.77
CA PRO A 55 15.27 -58.94 9.92
C PRO A 55 15.64 -57.64 10.64
N ARG A 56 15.83 -56.59 9.84
CA ARG A 56 16.20 -55.26 10.33
C ARG A 56 15.10 -54.28 9.95
N ILE A 57 14.39 -53.77 10.95
CA ILE A 57 13.34 -52.77 10.75
C ILE A 57 13.95 -51.39 10.93
N LYS A 58 13.61 -50.47 10.03
CA LYS A 58 14.08 -49.09 10.11
C LYS A 58 12.94 -48.15 9.77
N TRP A 59 12.58 -47.29 10.71
CA TRP A 59 11.57 -46.27 10.50
C TRP A 59 12.23 -44.91 10.32
N SER A 60 11.78 -44.16 9.33
CA SER A 60 12.31 -42.83 9.06
C SER A 60 11.17 -41.89 8.74
N ARG A 61 11.48 -40.59 8.73
CA ARG A 61 10.50 -39.56 8.38
C ARG A 61 11.16 -38.57 7.44
N VAL A 62 10.51 -38.30 6.31
CA VAL A 62 11.01 -37.35 5.32
C VAL A 62 10.14 -36.11 5.39
N SER A 63 10.75 -34.99 5.83
CA SER A 63 10.09 -33.70 5.90
C SER A 63 11.00 -32.67 5.23
N LYS A 64 10.39 -31.77 4.45
CA LYS A 64 11.11 -30.87 3.54
C LYS A 64 12.30 -31.57 2.90
N GLU A 65 13.47 -30.92 2.91
CA GLU A 65 14.67 -31.49 2.31
C GLU A 65 15.46 -32.38 3.27
N LYS A 66 14.97 -32.60 4.49
CA LYS A 66 15.68 -33.40 5.47
C LYS A 66 15.02 -34.77 5.63
N GLU A 67 15.81 -35.71 6.16
CA GLU A 67 15.33 -37.04 6.49
C GLU A 67 15.85 -37.42 7.87
N VAL A 68 14.98 -37.98 8.71
CA VAL A 68 15.30 -38.30 10.09
C VAL A 68 15.01 -39.78 10.32
N VAL A 69 15.98 -40.49 10.90
CA VAL A 69 15.81 -41.89 11.26
C VAL A 69 15.19 -41.96 12.65
N LEU A 70 13.99 -42.54 12.75
CA LEU A 70 13.30 -42.60 14.03
C LEU A 70 13.84 -43.74 14.89
N LEU A 71 13.84 -44.97 14.37
CA LEU A 71 14.34 -46.10 15.13
C LEU A 71 14.83 -47.17 14.18
N VAL A 72 15.68 -48.05 14.72
CA VAL A 72 16.12 -49.26 14.03
C VAL A 72 15.92 -50.44 14.99
N ALA A 73 15.53 -51.58 14.44
CA ALA A 73 15.24 -52.74 15.26
C ALA A 73 15.77 -54.01 14.60
N THR A 74 16.39 -54.87 15.40
CA THR A 74 16.87 -56.17 14.95
C THR A 74 17.18 -57.03 16.16
N GLU A 75 16.93 -58.33 16.02
CA GLU A 75 17.25 -59.32 17.05
C GLU A 75 16.58 -58.98 18.39
N GLY A 76 15.37 -58.44 18.32
CA GLY A 76 14.57 -58.17 19.50
C GLY A 76 14.90 -56.89 20.24
N ARG A 77 15.81 -56.07 19.72
CA ARG A 77 16.19 -54.83 20.36
C ARG A 77 15.86 -53.64 19.46
N VAL A 78 15.44 -52.54 20.06
CA VAL A 78 15.03 -51.34 19.34
C VAL A 78 15.91 -50.18 19.81
N ARG A 79 16.70 -49.63 18.89
CA ARG A 79 17.43 -48.41 19.15
C ARG A 79 16.62 -47.23 18.64
N VAL A 80 16.40 -46.24 19.51
CA VAL A 80 15.53 -45.11 19.22
C VAL A 80 16.39 -43.85 19.14
N ASN A 81 16.09 -43.00 18.15
CA ASN A 81 16.70 -41.68 18.06
C ASN A 81 16.60 -40.97 19.40
N SER A 82 17.73 -40.39 19.84
CA SER A 82 17.82 -39.83 21.18
C SER A 82 16.73 -38.79 21.43
N ALA A 83 16.49 -37.90 20.47
CA ALA A 83 15.49 -36.86 20.63
C ALA A 83 14.06 -37.40 20.61
N TYR A 84 13.86 -38.65 20.20
CA TYR A 84 12.55 -39.26 20.12
C TYR A 84 12.35 -40.36 21.16
N GLN A 85 13.15 -40.35 22.22
CA GLN A 85 13.02 -41.34 23.28
C GLN A 85 11.67 -41.22 23.98
N ASP A 86 11.01 -42.36 24.20
CA ASP A 86 9.69 -42.47 24.81
C ASP A 86 8.59 -41.98 23.87
N LYS A 87 8.96 -41.23 22.84
CA LYS A 87 7.97 -40.70 21.90
C LYS A 87 7.58 -41.73 20.86
N VAL A 88 8.56 -42.45 20.31
CA VAL A 88 8.30 -43.49 19.32
C VAL A 88 8.72 -44.84 19.89
N SER A 89 8.10 -45.90 19.39
CA SER A 89 8.38 -47.26 19.83
C SER A 89 7.70 -48.23 18.88
N LEU A 90 8.00 -49.52 19.06
CA LEU A 90 7.34 -50.60 18.35
C LEU A 90 6.55 -51.42 19.37
N PRO A 91 5.25 -51.14 19.56
CA PRO A 91 4.51 -51.79 20.65
C PRO A 91 4.25 -53.27 20.45
N ASN A 92 4.46 -53.80 19.25
CA ASN A 92 4.21 -55.22 18.99
C ASN A 92 5.46 -56.00 18.64
N TYR A 93 6.62 -55.37 18.65
CA TYR A 93 7.92 -55.98 18.39
C TYR A 93 8.72 -56.09 19.69
N PRO A 94 9.41 -57.21 19.92
CA PRO A 94 9.48 -58.39 19.05
C PRO A 94 8.49 -59.48 19.42
N ALA A 95 7.49 -59.16 20.23
CA ALA A 95 6.48 -60.14 20.61
C ALA A 95 5.85 -60.78 19.37
N ILE A 96 5.60 -59.98 18.34
CA ILE A 96 5.23 -60.49 17.02
C ILE A 96 6.34 -60.05 16.07
N PRO A 97 7.21 -60.97 15.64
CA PRO A 97 8.40 -60.55 14.88
C PRO A 97 8.08 -59.91 13.54
N SER A 98 6.90 -60.14 12.96
CA SER A 98 6.56 -59.62 11.65
C SER A 98 5.68 -58.38 11.72
N ASP A 99 5.55 -57.76 12.89
CA ASP A 99 4.71 -56.58 13.07
C ASP A 99 5.61 -55.40 13.41
N ALA A 100 5.85 -54.55 12.41
CA ALA A 100 6.65 -53.34 12.57
C ALA A 100 5.78 -52.10 12.83
N THR A 101 4.66 -52.27 13.53
CA THR A 101 3.77 -51.15 13.80
C THR A 101 4.51 -50.08 14.60
N LEU A 102 4.46 -48.85 14.10
CA LEU A 102 5.08 -47.71 14.76
C LEU A 102 4.02 -46.92 15.53
N GLU A 103 4.39 -46.46 16.72
CA GLU A 103 3.56 -45.60 17.53
C GLU A 103 4.31 -44.29 17.78
N VAL A 104 3.65 -43.17 17.51
CA VAL A 104 4.20 -41.85 17.77
C VAL A 104 3.27 -41.12 18.72
N GLN A 105 3.81 -40.63 19.84
CA GLN A 105 3.03 -39.94 20.86
C GLN A 105 3.28 -38.44 20.78
N SER A 106 2.30 -37.68 21.25
CA SER A 106 2.38 -36.22 21.33
C SER A 106 2.77 -35.61 19.99
N LEU A 107 1.88 -35.79 19.01
CA LEU A 107 2.17 -35.37 17.65
C LEU A 107 2.37 -33.87 17.57
N ARG A 108 3.51 -33.47 17.00
CA ARG A 108 3.83 -32.08 16.75
C ARG A 108 3.63 -31.75 15.27
N SER A 109 3.70 -30.46 14.95
CA SER A 109 3.64 -30.06 13.55
C SER A 109 4.86 -30.53 12.78
N ASN A 110 6.01 -30.65 13.45
CA ASN A 110 7.22 -31.15 12.80
C ASN A 110 7.25 -32.67 12.70
N ASP A 111 6.28 -33.37 13.29
CA ASP A 111 6.14 -34.79 13.06
C ASP A 111 5.40 -35.11 11.77
N SER A 112 4.95 -34.09 11.04
CA SER A 112 4.39 -34.28 9.71
C SER A 112 5.50 -34.69 8.73
N GLY A 113 5.12 -35.46 7.73
CA GLY A 113 6.06 -35.86 6.71
C GLY A 113 5.71 -37.25 6.18
N VAL A 114 6.59 -37.75 5.32
CA VAL A 114 6.42 -39.07 4.73
C VAL A 114 7.17 -40.08 5.60
N TYR A 115 6.43 -40.95 6.26
CA TYR A 115 7.00 -42.00 7.09
C TYR A 115 7.32 -43.22 6.22
N ARG A 116 8.52 -43.76 6.37
CA ARG A 116 8.97 -44.92 5.61
C ARG A 116 9.21 -46.08 6.55
N CYS A 117 8.52 -47.19 6.30
CA CYS A 117 8.75 -48.44 7.02
C CYS A 117 9.63 -49.32 6.15
N GLU A 118 10.89 -49.50 6.57
CA GLU A 118 11.89 -50.21 5.78
C GLU A 118 12.36 -51.44 6.53
N VAL A 119 12.37 -52.58 5.85
CA VAL A 119 12.78 -53.86 6.43
C VAL A 119 13.86 -54.47 5.56
N MET A 120 14.93 -54.95 6.19
CA MET A 120 16.04 -55.61 5.50
C MET A 120 16.16 -57.04 6.00
N HIS A 121 16.42 -57.96 5.08
CA HIS A 121 16.63 -59.38 5.42
C HIS A 121 17.79 -59.87 4.56
N GLY A 122 19.00 -59.70 5.07
CA GLY A 122 20.19 -60.03 4.29
C GLY A 122 20.50 -58.91 3.31
N ILE A 123 20.74 -59.28 2.06
CA ILE A 123 20.97 -58.27 1.01
C ILE A 123 19.67 -57.71 0.47
N GLU A 124 18.53 -58.32 0.80
CA GLU A 124 17.23 -57.87 0.33
C GLU A 124 16.66 -56.81 1.27
N ASP A 125 15.90 -55.88 0.69
CA ASP A 125 15.16 -54.91 1.48
C ASP A 125 14.08 -54.28 0.61
N SER A 126 12.94 -54.02 1.24
CA SER A 126 11.83 -53.31 0.61
C SER A 126 11.30 -52.28 1.60
N GLU A 127 10.29 -51.53 1.19
CA GLU A 127 9.81 -50.45 2.04
C GLU A 127 8.37 -50.09 1.67
N ALA A 128 7.72 -49.38 2.58
CA ALA A 128 6.41 -48.80 2.37
C ALA A 128 6.41 -47.39 2.95
N THR A 129 5.59 -46.52 2.37
CA THR A 129 5.55 -45.12 2.79
C THR A 129 4.12 -44.74 3.16
N LEU A 130 4.02 -43.70 3.99
CA LEU A 130 2.73 -43.12 4.36
C LEU A 130 2.97 -41.67 4.73
N GLU A 131 2.30 -40.76 4.03
CA GLU A 131 2.40 -39.34 4.36
C GLU A 131 1.45 -39.02 5.51
N VAL A 132 1.98 -38.36 6.54
CA VAL A 132 1.22 -37.98 7.73
C VAL A 132 1.20 -36.47 7.83
N VAL A 133 0.00 -35.91 7.93
CA VAL A 133 -0.19 -34.46 8.08
C VAL A 133 -0.78 -34.22 9.46
N VAL A 134 -0.06 -33.49 10.30
CA VAL A 134 -0.54 -33.12 11.62
C VAL A 134 -1.21 -31.75 11.50
N LYS A 135 -2.53 -31.72 11.73
CA LYS A 135 -3.31 -30.50 11.56
C LYS A 135 -3.33 -29.68 12.84
N GLY A 136 -3.36 -28.36 12.68
CA GLY A 136 -3.58 -27.48 13.81
C GLY A 136 -2.42 -26.59 14.19
N ILE A 137 -2.72 -25.55 14.97
CA ILE A 137 -1.71 -24.67 15.53
C ILE A 137 -2.27 -24.04 16.80
N VAL A 138 -1.42 -23.91 17.80
CA VAL A 138 -1.76 -23.24 19.05
C VAL A 138 -1.17 -21.85 19.03
N PHE A 139 -1.95 -20.86 19.44
CA PHE A 139 -1.47 -19.49 19.51
C PHE A 139 -1.97 -18.83 20.79
N HIS A 140 -1.15 -17.95 21.32
CA HIS A 140 -1.53 -17.12 22.46
C HIS A 140 -2.38 -15.95 21.98
N TYR A 141 -3.37 -15.58 22.79
CA TYR A 141 -4.30 -14.53 22.39
C TYR A 141 -4.53 -13.57 23.55
N ARG A 142 -4.20 -12.30 23.34
CA ARG A 142 -4.51 -11.23 24.26
C ARG A 142 -5.66 -10.40 23.66
N ALA A 143 -6.76 -10.31 24.39
CA ALA A 143 -8.00 -9.78 23.86
C ALA A 143 -7.97 -8.26 23.76
N ILE A 144 -8.97 -7.70 23.08
CA ILE A 144 -9.05 -6.25 22.89
C ILE A 144 -9.27 -5.54 24.21
N SER A 145 -9.85 -6.23 25.20
CA SER A 145 -9.95 -5.69 26.55
C SER A 145 -8.60 -5.64 27.25
N THR A 146 -7.55 -6.18 26.62
CA THR A 146 -6.14 -6.07 26.99
C THR A 146 -5.73 -7.12 28.03
N ARG A 147 -4.54 -6.98 28.61
CA ARG A 147 -3.85 -8.09 29.27
C ARG A 147 -4.61 -8.62 30.48
N TYR A 148 -4.73 -9.95 30.55
CA TYR A 148 -5.28 -10.64 31.73
C TYR A 148 -6.68 -10.11 32.06
N THR A 149 -7.55 -10.13 31.06
CA THR A 149 -8.91 -9.65 31.21
C THR A 149 -9.95 -10.71 30.85
N LEU A 150 -9.54 -11.93 30.55
CA LEU A 150 -10.45 -12.99 30.15
C LEU A 150 -10.65 -13.96 31.30
N ASP A 151 -11.87 -14.05 31.80
CA ASP A 151 -12.21 -15.14 32.69
C ASP A 151 -12.44 -16.40 31.86
N PHE A 152 -12.69 -17.52 32.53
CA PHE A 152 -12.75 -18.80 31.83
C PHE A 152 -13.80 -18.79 30.73
N ASP A 153 -14.95 -18.16 30.97
CA ASP A 153 -16.00 -18.13 29.97
C ASP A 153 -15.62 -17.25 28.79
N ARG A 154 -15.10 -16.05 29.06
CA ARG A 154 -14.71 -15.15 27.97
C ARG A 154 -13.47 -15.65 27.25
N ALA A 155 -12.61 -16.40 27.94
CA ALA A 155 -11.47 -17.02 27.28
C ALA A 155 -11.95 -17.97 26.19
N GLN A 156 -13.05 -18.67 26.44
CA GLN A 156 -13.58 -19.61 25.46
C GLN A 156 -14.24 -18.90 24.28
N ARG A 157 -14.88 -17.76 24.52
CA ARG A 157 -15.52 -17.06 23.41
CA ARG A 157 -15.52 -17.04 23.43
C ARG A 157 -14.51 -16.33 22.54
N ALA A 158 -13.39 -15.89 23.12
CA ALA A 158 -12.35 -15.25 22.32
C ALA A 158 -11.79 -16.22 21.29
N CYS A 159 -11.61 -17.49 21.66
CA CYS A 159 -11.15 -18.47 20.69
C CYS A 159 -12.20 -18.74 19.62
N LEU A 160 -13.46 -18.86 20.02
CA LEU A 160 -14.53 -19.13 19.06
C LEU A 160 -14.67 -17.99 18.06
N GLN A 161 -14.41 -16.76 18.48
CA GLN A 161 -14.46 -15.61 17.59
C GLN A 161 -13.20 -15.48 16.73
N ASN A 162 -12.24 -16.39 16.87
CA ASN A 162 -11.00 -16.34 16.09
C ASN A 162 -10.73 -17.67 15.39
N SER A 163 -11.80 -18.37 14.98
CA SER A 163 -11.70 -19.60 14.20
C SER A 163 -10.93 -20.69 14.96
N ALA A 164 -11.25 -20.86 16.24
CA ALA A 164 -10.53 -21.82 17.07
C ALA A 164 -11.39 -22.18 18.27
N ILE A 165 -10.90 -23.12 19.07
CA ILE A 165 -11.46 -23.47 20.36
C ILE A 165 -10.33 -23.45 21.38
N ILE A 166 -10.70 -23.30 22.66
CA ILE A 166 -9.69 -23.19 23.70
C ILE A 166 -8.84 -24.45 23.72
N ALA A 167 -7.53 -24.26 23.81
CA ALA A 167 -6.59 -25.37 23.65
C ALA A 167 -6.56 -26.25 24.89
N THR A 168 -6.23 -27.51 24.66
CA THR A 168 -6.01 -28.49 25.71
C THR A 168 -4.56 -28.49 26.14
N PRO A 169 -4.25 -28.99 27.35
CA PRO A 169 -2.84 -29.08 27.74
C PRO A 169 -2.01 -29.95 26.80
N GLU A 170 -2.60 -31.04 26.29
CA GLU A 170 -1.87 -31.88 25.36
C GLU A 170 -1.46 -31.11 24.12
N GLN A 171 -2.35 -30.25 23.61
CA GLN A 171 -2.02 -29.44 22.45
C GLN A 171 -0.95 -28.40 22.79
N LEU A 172 -1.04 -27.79 23.97
CA LEU A 172 -0.03 -26.82 24.37
C LEU A 172 1.32 -27.48 24.58
N GLN A 173 1.33 -28.68 25.14
CA GLN A 173 2.59 -29.40 25.33
C GLN A 173 3.25 -29.73 23.99
N ALA A 174 2.45 -30.11 22.99
CA ALA A 174 3.01 -30.38 21.67
C ALA A 174 3.57 -29.10 21.04
N ALA A 175 2.84 -27.99 21.16
CA ALA A 175 3.32 -26.73 20.60
C ALA A 175 4.62 -26.30 21.27
N TYR A 176 4.72 -26.51 22.59
CA TYR A 176 5.97 -26.21 23.29
C TYR A 176 7.12 -27.04 22.74
N GLU A 177 6.87 -28.32 22.45
CA GLU A 177 7.92 -29.16 21.88
C GLU A 177 8.28 -28.75 20.45
N ASP A 178 7.42 -27.97 19.79
CA ASP A 178 7.75 -27.38 18.50
C ASP A 178 8.49 -26.06 18.63
N GLY A 179 8.82 -25.63 19.84
CA GLY A 179 9.55 -24.40 20.05
C GLY A 179 8.75 -23.23 20.59
N PHE A 180 7.47 -23.44 20.92
CA PHE A 180 6.62 -22.33 21.35
C PHE A 180 7.09 -21.79 22.69
N HIS A 181 7.43 -20.51 22.73
CA HIS A 181 7.81 -19.80 23.94
C HIS A 181 6.91 -18.58 24.09
N GLN A 182 6.27 -18.46 25.25
CA GLN A 182 5.33 -17.36 25.48
C GLN A 182 5.21 -17.14 26.98
N CYS A 183 5.67 -16.00 27.46
CA CYS A 183 5.65 -15.69 28.90
C CYS A 183 4.38 -14.93 29.28
N ASP A 184 3.23 -15.46 28.87
CA ASP A 184 1.93 -14.91 29.23
C ASP A 184 1.02 -16.04 29.67
N ALA A 185 0.54 -15.97 30.91
CA ALA A 185 -0.37 -17.00 31.41
C ALA A 185 -1.71 -16.93 30.68
N GLY A 186 -2.27 -18.11 30.39
CA GLY A 186 -3.51 -18.17 29.63
C GLY A 186 -4.33 -19.39 30.01
N TRP A 187 -5.65 -19.24 29.90
CA TRP A 187 -6.56 -20.32 30.23
C TRP A 187 -6.40 -21.49 29.27
N LEU A 188 -6.79 -22.68 29.74
CA LEU A 188 -6.81 -23.88 28.93
C LEU A 188 -8.14 -24.59 29.11
N ALA A 189 -8.41 -25.54 28.20
CA ALA A 189 -9.71 -26.20 28.17
C ALA A 189 -10.00 -27.00 29.45
N ASP A 190 -8.98 -27.37 30.21
CA ASP A 190 -9.16 -28.09 31.46
C ASP A 190 -9.22 -27.18 32.68
N GLN A 191 -9.53 -25.90 32.48
CA GLN A 191 -9.66 -24.91 33.55
C GLN A 191 -8.35 -24.67 34.28
N THR A 192 -7.22 -24.99 33.66
CA THR A 192 -5.90 -24.62 34.17
C THR A 192 -5.37 -23.40 33.41
N VAL A 193 -4.43 -22.71 34.03
CA VAL A 193 -3.79 -21.54 33.46
C VAL A 193 -2.30 -21.81 33.35
N ARG A 194 -1.78 -21.83 32.13
CA ARG A 194 -0.42 -22.26 31.86
C ARG A 194 0.24 -21.30 30.88
N TYR A 195 1.54 -21.48 30.69
CA TYR A 195 2.27 -20.80 29.63
C TYR A 195 3.58 -21.51 29.37
N PRO A 196 3.99 -21.67 28.10
CA PRO A 196 5.20 -22.42 27.79
C PRO A 196 6.45 -21.55 27.78
N ILE A 197 7.53 -22.11 28.33
CA ILE A 197 8.79 -21.38 28.47
C ILE A 197 9.95 -22.29 28.06
N HIS A 198 10.78 -21.79 27.13
CA HIS A 198 12.02 -22.43 26.75
C HIS A 198 13.24 -21.79 27.38
N THR A 199 13.20 -20.48 27.59
CA THR A 199 14.30 -19.73 28.19
C THR A 199 13.82 -19.16 29.52
N PRO A 200 14.04 -19.87 30.63
CA PRO A 200 13.66 -19.34 31.93
C PRO A 200 14.33 -17.99 32.20
N ARG A 201 13.66 -17.17 33.01
CA ARG A 201 14.02 -15.77 33.18
C ARG A 201 13.17 -15.17 34.29
N GLU A 202 13.64 -14.11 34.94
CA GLU A 202 12.84 -13.42 35.93
C GLU A 202 11.52 -13.00 35.30
N GLY A 203 10.42 -13.27 36.01
CA GLY A 203 9.09 -13.02 35.51
C GLY A 203 8.46 -14.18 34.76
N CYS A 204 9.25 -15.18 34.38
CA CYS A 204 8.75 -16.33 33.64
C CYS A 204 9.11 -17.65 34.33
N TYR A 205 9.65 -17.59 35.55
CA TYR A 205 10.06 -18.80 36.25
C TYR A 205 8.87 -19.71 36.54
N GLY A 206 7.82 -19.15 37.14
CA GLY A 206 6.66 -19.97 37.46
C GLY A 206 7.00 -21.02 38.50
N ASP A 207 6.36 -22.18 38.35
CA ASP A 207 6.56 -23.29 39.28
C ASP A 207 7.79 -24.12 38.95
N LYS A 208 8.44 -23.88 37.81
CA LYS A 208 9.49 -24.75 37.32
C LYS A 208 10.87 -24.10 37.34
N ASP A 209 10.99 -22.85 37.80
CA ASP A 209 12.28 -22.19 38.06
C ASP A 209 13.10 -22.20 36.78
N GLU A 210 14.38 -22.58 36.84
CA GLU A 210 15.26 -22.57 35.68
C GLU A 210 15.09 -23.78 34.77
N PHE A 211 14.15 -24.67 35.07
CA PHE A 211 14.03 -25.78 34.14
C PHE A 211 13.02 -25.44 33.05
N PRO A 212 13.31 -25.82 31.79
CA PRO A 212 12.36 -25.52 30.71
C PRO A 212 11.09 -26.36 30.83
N GLY A 213 10.04 -25.86 30.19
CA GLY A 213 8.75 -26.54 30.21
C GLY A 213 7.57 -25.61 30.32
N VAL A 214 6.37 -26.19 30.31
CA VAL A 214 5.13 -25.42 30.39
C VAL A 214 4.80 -25.20 31.86
N ARG A 215 4.90 -23.94 32.30
CA ARG A 215 4.47 -23.58 33.65
C ARG A 215 2.98 -23.84 33.83
N THR A 216 2.55 -23.91 35.08
CA THR A 216 1.14 -24.09 35.38
C THR A 216 0.83 -23.47 36.73
N TYR A 217 -0.35 -22.85 36.82
CA TYR A 217 -0.88 -22.38 38.09
C TYR A 217 -1.91 -23.35 38.67
N GLY A 218 -2.11 -24.51 38.05
CA GLY A 218 -3.12 -25.44 38.46
C GLY A 218 -4.51 -25.02 38.00
N ILE A 219 -5.51 -25.71 38.54
CA ILE A 219 -6.89 -25.36 38.26
C ILE A 219 -7.24 -24.09 39.02
N ARG A 220 -7.82 -23.11 38.32
CA ARG A 220 -8.11 -21.81 38.88
C ARG A 220 -9.62 -21.56 38.85
N ASP A 221 -10.08 -20.74 39.79
CA ASP A 221 -11.47 -20.31 39.79
C ASP A 221 -11.81 -19.60 38.49
N THR A 222 -13.02 -19.86 37.98
CA THR A 222 -13.39 -19.39 36.65
C THR A 222 -13.48 -17.87 36.56
N ASN A 223 -13.63 -17.18 37.70
CA ASN A 223 -13.72 -15.73 37.68
C ASN A 223 -12.35 -15.04 37.57
N GLU A 224 -11.26 -15.79 37.66
CA GLU A 224 -9.94 -15.19 37.50
C GLU A 224 -9.69 -14.84 36.04
N THR A 225 -8.93 -13.77 35.83
CA THR A 225 -8.75 -13.18 34.50
C THR A 225 -7.31 -13.35 34.05
N TYR A 226 -7.13 -14.01 32.90
CA TYR A 226 -5.83 -14.17 32.27
C TYR A 226 -6.01 -13.97 30.78
N ASP A 227 -5.00 -14.34 30.01
CA ASP A 227 -5.14 -14.46 28.56
C ASP A 227 -5.68 -15.87 28.26
N VAL A 228 -5.46 -16.36 27.04
CA VAL A 228 -5.98 -17.68 26.66
C VAL A 228 -5.10 -18.22 25.54
N TYR A 229 -5.06 -19.53 25.42
CA TYR A 229 -4.38 -20.21 24.31
C TYR A 229 -5.42 -20.93 23.47
N CYS A 230 -5.45 -20.63 22.18
CA CYS A 230 -6.44 -21.17 21.28
C CYS A 230 -5.82 -22.16 20.31
N PHE A 231 -6.59 -23.18 19.95
CA PHE A 231 -6.19 -24.20 19.00
C PHE A 231 -7.05 -24.05 17.75
N ALA A 232 -6.43 -23.64 16.65
CA ALA A 232 -7.10 -23.57 15.35
C ALA A 232 -6.77 -24.84 14.56
N GLU A 233 -7.80 -25.63 14.26
CA GLU A 233 -7.58 -26.93 13.62
C GLU A 233 -7.26 -26.77 12.14
N GLU A 234 -8.14 -26.11 11.39
CA GLU A 234 -7.96 -26.01 9.95
C GLU A 234 -8.84 -24.89 9.41
N MET A 235 -8.67 -24.60 8.13
CA MET A 235 -9.50 -23.63 7.43
C MET A 235 -9.60 -24.03 5.96
N GLU A 236 -10.79 -23.82 5.39
CA GLU A 236 -11.03 -24.22 4.00
C GLU A 236 -10.42 -23.25 3.02
N GLY A 237 -10.54 -21.95 3.29
CA GLY A 237 -10.18 -20.92 2.33
C GLY A 237 -8.73 -20.47 2.43
N GLU A 238 -8.48 -19.27 1.88
CA GLU A 238 -7.15 -18.71 1.76
C GLU A 238 -7.13 -17.30 2.34
N VAL A 239 -6.00 -16.95 2.93
CA VAL A 239 -5.78 -15.62 3.50
C VAL A 239 -4.93 -14.79 2.54
N PHE A 240 -5.32 -13.54 2.33
CA PHE A 240 -4.60 -12.68 1.40
C PHE A 240 -4.71 -11.23 1.84
N TYR A 241 -3.78 -10.41 1.37
CA TYR A 241 -3.75 -8.99 1.68
C TYR A 241 -4.48 -8.18 0.61
N ALA A 242 -5.21 -7.16 1.06
CA ALA A 242 -5.80 -6.15 0.19
C ALA A 242 -5.35 -4.79 0.68
N THR A 243 -4.87 -3.96 -0.24
CA THR A 243 -4.28 -2.69 0.13
C THR A 243 -4.76 -1.59 -0.82
N SER A 244 -4.26 -0.39 -0.58
CA SER A 244 -4.57 0.79 -1.39
C SER A 244 -3.48 1.83 -1.13
N PRO A 245 -3.36 2.84 -1.99
CA PRO A 245 -2.30 3.85 -1.77
C PRO A 245 -2.34 4.49 -0.40
N GLU A 246 -3.51 4.85 0.12
CA GLU A 246 -3.62 5.52 1.40
C GLU A 246 -4.13 4.60 2.51
N LYS A 247 -4.04 3.28 2.30
CA LYS A 247 -4.37 2.28 3.32
C LYS A 247 -5.81 2.37 3.78
N PHE A 248 -6.16 1.64 4.85
CA PHE A 248 -7.54 1.52 5.31
C PHE A 248 -7.64 1.71 6.81
N THR A 249 -8.69 2.42 7.24
CA THR A 249 -9.15 2.30 8.62
C THR A 249 -9.79 0.93 8.80
N PHE A 250 -10.10 0.58 10.05
CA PHE A 250 -10.65 -0.74 10.32
C PHE A 250 -11.94 -0.98 9.53
N GLN A 251 -12.86 -0.01 9.60
CA GLN A 251 -14.14 -0.19 8.91
C GLN A 251 -13.96 -0.13 7.40
N GLU A 252 -13.02 0.68 6.91
CA GLU A 252 -12.71 0.66 5.49
C GLU A 252 -12.08 -0.67 5.07
N ALA A 253 -11.28 -1.29 5.95
CA ALA A 253 -10.72 -2.60 5.66
C ALA A 253 -11.81 -3.67 5.61
N ALA A 254 -12.77 -3.59 6.52
CA ALA A 254 -13.87 -4.55 6.51
C ALA A 254 -14.69 -4.44 5.22
N ASN A 255 -14.89 -3.21 4.74
CA ASN A 255 -15.63 -3.02 3.49
C ASN A 255 -14.84 -3.50 2.28
N GLU A 256 -13.51 -3.37 2.32
CA GLU A 256 -12.71 -3.78 1.18
C GLU A 256 -12.69 -5.29 1.00
N CYS A 257 -12.57 -6.04 2.11
CA CYS A 257 -12.66 -7.50 2.01
C CYS A 257 -14.04 -7.92 1.52
N ARG A 258 -15.09 -7.23 1.96
CA ARG A 258 -16.43 -7.55 1.48
C ARG A 258 -16.59 -7.23 0.00
N ARG A 259 -16.06 -6.08 -0.44
CA ARG A 259 -16.16 -5.69 -1.85
C ARG A 259 -15.51 -6.73 -2.76
N LEU A 260 -14.45 -7.38 -2.29
CA LEU A 260 -13.75 -8.39 -3.05
C LEU A 260 -14.37 -9.78 -2.90
N GLY A 261 -15.59 -9.86 -2.38
CA GLY A 261 -16.24 -11.14 -2.20
C GLY A 261 -15.70 -11.96 -1.06
N ALA A 262 -15.04 -11.34 -0.08
CA ALA A 262 -14.45 -12.06 1.04
C ALA A 262 -14.84 -11.40 2.36
N ARG A 263 -14.00 -11.56 3.38
CA ARG A 263 -14.25 -11.00 4.70
C ARG A 263 -12.92 -10.90 5.41
N LEU A 264 -12.90 -10.10 6.48
CA LEU A 264 -11.70 -9.96 7.28
C LEU A 264 -11.34 -11.29 7.92
N ALA A 265 -10.07 -11.67 7.80
CA ALA A 265 -9.59 -12.91 8.40
C ALA A 265 -9.49 -12.77 9.91
N THR A 266 -9.68 -13.89 10.61
CA THR A 266 -9.51 -13.93 12.05
C THR A 266 -8.05 -14.16 12.41
N THR A 267 -7.73 -13.97 13.69
CA THR A 267 -6.37 -14.22 14.16
C THR A 267 -5.99 -15.68 13.97
N GLY A 268 -6.93 -16.60 14.22
CA GLY A 268 -6.64 -18.00 14.01
C GLY A 268 -6.36 -18.35 12.57
N GLN A 269 -7.10 -17.72 11.64
CA GLN A 269 -6.86 -17.96 10.22
C GLN A 269 -5.52 -17.40 9.77
N LEU A 270 -5.07 -16.30 10.39
CA LEU A 270 -3.76 -15.75 10.04
C LEU A 270 -2.65 -16.67 10.53
N TYR A 271 -2.80 -17.26 11.72
CA TYR A 271 -1.80 -18.18 12.23
C TYR A 271 -1.70 -19.42 11.35
N LEU A 272 -2.84 -19.96 10.92
CA LEU A 272 -2.82 -21.08 9.98
C LEU A 272 -2.16 -20.67 8.67
N ALA A 273 -2.44 -19.46 8.19
CA ALA A 273 -1.80 -18.97 6.98
C ALA A 273 -0.29 -18.86 7.16
N TRP A 274 0.15 -18.31 8.29
CA TRP A 274 1.58 -18.23 8.57
C TRP A 274 2.21 -19.61 8.62
N GLN A 275 1.52 -20.57 9.25
CA GLN A 275 2.07 -21.93 9.36
C GLN A 275 2.31 -22.54 8.00
N ALA A 276 1.44 -22.25 7.03
CA ALA A 276 1.63 -22.68 5.65
C ALA A 276 2.63 -21.81 4.90
N GLY A 277 3.31 -20.90 5.58
CA GLY A 277 4.40 -20.16 4.98
C GLY A 277 4.10 -18.74 4.52
N MET A 278 2.97 -18.16 4.92
CA MET A 278 2.63 -16.82 4.46
C MET A 278 3.58 -15.78 5.05
N ASP A 279 3.98 -14.83 4.22
CA ASP A 279 4.91 -13.78 4.63
C ASP A 279 4.50 -12.45 4.01
N MET A 280 4.39 -11.42 4.83
CA MET A 280 4.03 -10.09 4.34
C MET A 280 4.54 -9.06 5.33
N CYS A 281 5.44 -8.18 4.90
CA CYS A 281 6.05 -7.19 5.77
C CYS A 281 5.21 -5.91 5.80
N SER A 282 3.98 -6.06 6.26
CA SER A 282 3.07 -4.94 6.35
C SER A 282 1.94 -5.30 7.32
N ALA A 283 1.72 -4.44 8.31
CA ALA A 283 0.67 -4.68 9.29
C ALA A 283 -0.70 -4.48 8.65
N GLY A 284 -1.66 -5.30 9.08
CA GLY A 284 -3.00 -5.23 8.52
C GLY A 284 -4.07 -5.57 9.55
N TRP A 285 -5.29 -5.11 9.26
CA TRP A 285 -6.42 -5.30 10.16
C TRP A 285 -6.93 -6.73 10.10
N LEU A 286 -7.36 -7.25 11.24
CA LEU A 286 -8.02 -8.55 11.35
C LEU A 286 -9.43 -8.36 11.90
N ALA A 287 -10.23 -9.42 11.79
CA ALA A 287 -11.65 -9.33 12.13
C ALA A 287 -11.90 -8.99 13.59
N ASP A 288 -10.95 -9.26 14.48
CA ASP A 288 -11.09 -8.93 15.89
C ASP A 288 -10.58 -7.54 16.22
N ARG A 289 -10.47 -6.67 15.22
CA ARG A 289 -10.00 -5.29 15.37
C ARG A 289 -8.56 -5.21 15.84
N SER A 290 -7.77 -6.25 15.60
CA SER A 290 -6.34 -6.26 15.91
C SER A 290 -5.54 -5.99 14.64
N VAL A 291 -4.24 -5.77 14.84
CA VAL A 291 -3.33 -5.43 13.74
C VAL A 291 -2.12 -6.36 13.84
N ARG A 292 -2.01 -7.30 12.90
CA ARG A 292 -0.95 -8.29 12.90
C ARG A 292 -0.39 -8.44 11.50
N TYR A 293 0.68 -9.24 11.37
CA TYR A 293 1.26 -9.55 10.07
C TYR A 293 2.16 -10.76 10.19
N PRO A 294 2.19 -11.64 9.18
CA PRO A 294 2.99 -12.86 9.27
C PRO A 294 4.39 -12.71 8.69
N ILE A 295 5.34 -13.40 9.32
CA ILE A 295 6.74 -13.40 8.91
C ILE A 295 7.23 -14.84 8.88
N SER A 296 7.64 -15.31 7.69
CA SER A 296 8.18 -16.65 7.52
C SER A 296 9.68 -16.67 7.26
N LYS A 297 10.28 -15.54 6.92
CA LYS A 297 11.72 -15.42 6.73
C LYS A 297 12.25 -14.37 7.69
N ALA A 298 13.28 -14.72 8.46
CA ALA A 298 13.78 -13.86 9.52
C ALA A 298 14.69 -12.78 8.92
N ARG A 299 14.18 -11.56 8.83
CA ARG A 299 14.95 -10.40 8.41
C ARG A 299 15.01 -9.38 9.54
N PRO A 300 16.01 -8.49 9.52
CA PRO A 300 16.08 -7.45 10.56
C PRO A 300 14.94 -6.45 10.50
N ASN A 301 14.65 -5.94 9.31
CA ASN A 301 13.68 -4.87 9.16
C ASN A 301 12.24 -5.36 9.06
N CYS A 302 12.01 -6.68 9.06
CA CYS A 302 10.67 -7.24 8.93
C CYS A 302 10.50 -8.34 9.97
N GLY A 303 9.87 -7.99 11.10
CA GLY A 303 9.67 -8.91 12.19
C GLY A 303 10.76 -8.89 13.25
N GLY A 304 11.85 -8.16 13.03
CA GLY A 304 12.92 -8.08 13.99
C GLY A 304 13.65 -9.40 14.18
N ASN A 305 13.98 -10.07 13.07
CA ASN A 305 14.68 -11.35 13.05
C ASN A 305 13.91 -12.45 13.78
N LEU A 306 12.59 -12.28 13.93
CA LEU A 306 11.74 -13.29 14.55
C LEU A 306 10.75 -13.83 13.54
N LEU A 307 10.38 -15.09 13.73
CA LEU A 307 9.37 -15.75 12.91
C LEU A 307 8.07 -15.85 13.68
N GLY A 308 6.96 -15.81 12.96
CA GLY A 308 5.65 -15.94 13.56
C GLY A 308 4.76 -14.76 13.20
N VAL A 309 3.63 -14.69 13.90
CA VAL A 309 2.65 -13.63 13.72
C VAL A 309 3.01 -12.49 14.67
N ARG A 310 3.42 -11.36 14.10
CA ARG A 310 3.76 -10.18 14.89
C ARG A 310 2.51 -9.32 15.09
N THR A 311 2.27 -8.92 16.33
CA THR A 311 1.11 -8.11 16.68
C THR A 311 1.55 -6.69 17.02
N VAL A 312 0.84 -5.71 16.47
CA VAL A 312 1.11 -4.30 16.73
C VAL A 312 0.24 -3.85 17.90
N TYR A 313 0.87 -3.28 18.92
CA TYR A 313 0.17 -2.79 20.10
C TYR A 313 0.37 -1.29 20.25
N VAL A 314 -0.51 -0.67 21.04
CA VAL A 314 -0.42 0.76 21.28
C VAL A 314 0.69 1.07 22.27
N HIS A 315 0.73 0.34 23.38
CA HIS A 315 1.73 0.56 24.42
C HIS A 315 2.82 -0.50 24.34
N ALA A 316 4.02 -0.14 24.82
CA ALA A 316 5.19 -0.99 24.67
C ALA A 316 5.08 -2.29 25.47
N ASN A 317 4.29 -2.32 26.53
CA ASN A 317 4.09 -3.55 27.29
C ASN A 317 3.08 -4.49 26.62
N GLN A 318 2.91 -4.38 25.30
CA GLN A 318 2.04 -5.25 24.53
C GLN A 318 0.59 -5.18 25.03
N THR A 319 0.08 -3.95 25.10
CA THR A 319 -1.26 -3.69 25.59
C THR A 319 -1.96 -2.71 24.64
N GLY A 320 -3.22 -3.02 24.31
CA GLY A 320 -4.04 -2.10 23.53
C GLY A 320 -3.97 -2.28 22.03
N TYR A 321 -5.08 -2.69 21.43
CA TYR A 321 -5.15 -2.74 19.97
C TYR A 321 -5.14 -1.30 19.43
N PRO A 322 -4.64 -1.11 18.21
CA PRO A 322 -4.57 0.25 17.65
C PRO A 322 -5.96 0.86 17.47
N ASP A 323 -5.99 2.19 17.44
CA ASP A 323 -7.24 2.92 17.26
C ASP A 323 -7.86 2.56 15.92
N PRO A 324 -9.19 2.42 15.85
CA PRO A 324 -9.82 2.01 14.58
C PRO A 324 -9.60 2.98 13.44
N SER A 325 -9.18 4.22 13.71
CA SER A 325 -8.91 5.19 12.66
C SER A 325 -7.50 5.09 12.10
N SER A 326 -6.62 4.31 12.75
CA SER A 326 -5.30 4.07 12.21
C SER A 326 -5.40 3.35 10.87
N ARG A 327 -4.47 3.66 9.97
CA ARG A 327 -4.53 3.17 8.61
C ARG A 327 -3.57 2.01 8.44
N TYR A 328 -4.11 0.86 8.02
CA TYR A 328 -3.33 -0.35 7.77
C TYR A 328 -3.90 -1.05 6.56
N ASP A 329 -3.27 -2.16 6.18
CA ASP A 329 -3.79 -2.98 5.11
C ASP A 329 -4.99 -3.78 5.60
N ALA A 330 -5.62 -4.53 4.70
CA ALA A 330 -6.71 -5.43 5.03
C ALA A 330 -6.26 -6.87 4.80
N ILE A 331 -6.42 -7.70 5.82
CA ILE A 331 -6.10 -9.12 5.74
C ILE A 331 -7.41 -9.87 5.58
N CYS A 332 -7.67 -10.37 4.37
CA CYS A 332 -8.96 -10.95 4.05
C CYS A 332 -8.91 -12.47 4.05
N TYR A 333 -10.09 -13.08 4.02
CA TYR A 333 -10.25 -14.52 3.98
C TYR A 333 -11.41 -14.85 3.05
N THR A 334 -11.15 -15.71 2.07
CA THR A 334 -12.17 -16.10 1.10
C THR A 334 -13.29 -16.91 1.75
N VAL B 15 -27.76 35.11 -35.01
CA VAL B 15 -26.47 34.98 -34.34
C VAL B 15 -25.85 33.62 -34.67
N SER B 16 -24.61 33.65 -35.16
CA SER B 16 -23.90 32.41 -35.48
C SER B 16 -22.41 32.59 -35.23
N ILE B 17 -21.78 31.51 -34.79
CA ILE B 17 -20.33 31.47 -34.66
C ILE B 17 -19.80 30.48 -35.69
N PRO B 18 -19.37 30.94 -36.87
CA PRO B 18 -18.93 30.00 -37.91
C PRO B 18 -17.62 29.32 -37.57
N GLN B 19 -17.64 28.43 -36.59
CA GLN B 19 -16.43 27.81 -36.10
C GLN B 19 -16.75 26.44 -35.52
N PRO B 20 -15.96 25.43 -35.85
CA PRO B 20 -16.20 24.10 -35.26
C PRO B 20 -15.99 24.12 -33.76
N SER B 21 -16.74 23.26 -33.06
CA SER B 21 -16.65 23.14 -31.62
C SER B 21 -16.30 21.69 -31.24
N PRO B 22 -15.44 21.50 -30.22
CA PRO B 22 -14.77 22.55 -29.44
C PRO B 22 -13.58 23.18 -30.16
N LEU B 23 -13.05 24.26 -29.59
CA LEU B 23 -11.86 24.92 -30.09
C LEU B 23 -10.75 24.76 -29.06
N ARG B 24 -9.60 24.24 -29.51
CA ARG B 24 -8.48 23.93 -28.63
C ARG B 24 -7.33 24.88 -28.96
N VAL B 25 -6.91 25.66 -27.97
CA VAL B 25 -5.82 26.62 -28.11
C VAL B 25 -4.89 26.51 -26.91
N LEU B 26 -3.65 26.94 -27.11
CA LEU B 26 -2.63 26.81 -26.08
C LEU B 26 -2.74 27.91 -25.04
N LEU B 27 -2.26 27.59 -23.84
CA LEU B 27 -2.16 28.58 -22.78
C LEU B 27 -1.23 29.73 -23.21
N GLY B 28 -1.63 30.95 -22.90
CA GLY B 28 -0.82 32.12 -23.18
C GLY B 28 -1.09 32.79 -24.51
N THR B 29 -1.79 32.13 -25.43
CA THR B 29 -2.09 32.73 -26.72
C THR B 29 -3.27 33.69 -26.59
N SER B 30 -3.61 34.36 -27.69
CA SER B 30 -4.75 35.26 -27.76
C SER B 30 -5.83 34.66 -28.65
N LEU B 31 -7.07 34.74 -28.19
CA LEU B 31 -8.19 34.09 -28.84
C LEU B 31 -9.05 35.12 -29.58
N THR B 32 -9.67 34.69 -30.67
CA THR B 32 -10.61 35.49 -31.43
C THR B 32 -11.79 34.62 -31.83
N ILE B 33 -12.99 35.00 -31.39
CA ILE B 33 -14.21 34.26 -31.68
C ILE B 33 -15.11 35.15 -32.53
N PRO B 34 -15.15 34.93 -33.84
CA PRO B 34 -16.04 35.74 -34.69
C PRO B 34 -17.50 35.43 -34.40
N CYS B 35 -18.30 36.48 -34.25
CA CYS B 35 -19.74 36.34 -34.06
C CYS B 35 -20.45 37.36 -34.94
N TYR B 36 -21.37 36.88 -35.77
CA TYR B 36 -22.13 37.74 -36.67
C TYR B 36 -23.62 37.50 -36.45
N PHE B 37 -24.41 38.48 -36.86
CA PHE B 37 -25.85 38.43 -36.62
C PHE B 37 -26.56 39.37 -37.59
N ILE B 38 -27.79 39.03 -37.92
CA ILE B 38 -28.64 39.89 -38.76
C ILE B 38 -30.09 39.46 -38.62
N ALA B 54 -28.24 50.17 -31.72
CA ALA B 54 -29.52 49.74 -31.17
C ALA B 54 -29.48 48.32 -30.58
N PRO B 55 -28.90 47.33 -31.26
CA PRO B 55 -28.83 45.99 -30.67
C PRO B 55 -27.99 45.97 -29.40
N ARG B 56 -28.22 44.92 -28.60
CA ARG B 56 -27.51 44.70 -27.35
C ARG B 56 -26.71 43.41 -27.47
N ILE B 57 -25.39 43.53 -27.34
CA ILE B 57 -24.49 42.39 -27.44
C ILE B 57 -24.02 42.02 -26.04
N LYS B 58 -24.07 40.72 -25.71
CA LYS B 58 -23.62 40.24 -24.41
C LYS B 58 -22.80 38.98 -24.60
N TRP B 59 -21.55 39.01 -24.17
CA TRP B 59 -20.68 37.84 -24.17
C TRP B 59 -20.55 37.28 -22.76
N SER B 60 -20.65 35.96 -22.65
CA SER B 60 -20.54 35.29 -21.36
C SER B 60 -19.69 34.04 -21.52
N ARG B 61 -19.26 33.48 -20.39
CA ARG B 61 -18.49 32.24 -20.36
C ARG B 61 -19.06 31.34 -19.29
N VAL B 62 -19.32 30.07 -19.65
CA VAL B 62 -19.88 29.08 -18.74
C VAL B 62 -18.80 28.07 -18.43
N SER B 63 -18.42 27.97 -17.15
CA SER B 63 -17.40 27.03 -16.71
C SER B 63 -17.80 26.45 -15.36
N LYS B 64 -17.77 25.11 -15.27
CA LYS B 64 -18.13 24.36 -14.06
C LYS B 64 -19.35 24.91 -13.33
N LYS B 66 -20.66 27.71 -12.84
CA LYS B 66 -20.61 29.17 -12.75
C LYS B 66 -20.69 29.81 -14.13
N GLU B 67 -21.27 31.00 -14.20
CA GLU B 67 -21.40 31.75 -15.44
C GLU B 67 -20.94 33.17 -15.21
N VAL B 68 -20.05 33.65 -16.06
CA VAL B 68 -19.45 34.98 -15.94
C VAL B 68 -19.80 35.79 -17.17
N VAL B 69 -20.29 37.01 -16.96
CA VAL B 69 -20.60 37.92 -18.05
C VAL B 69 -19.32 38.68 -18.41
N LEU B 70 -18.86 38.52 -19.64
CA LEU B 70 -17.62 39.15 -20.07
C LEU B 70 -17.81 40.62 -20.36
N LEU B 71 -18.71 40.94 -21.31
CA LEU B 71 -18.96 42.33 -21.65
C LEU B 71 -20.38 42.49 -22.15
N VAL B 72 -20.87 43.73 -22.11
CA VAL B 72 -22.14 44.11 -22.71
C VAL B 72 -21.87 45.31 -23.60
N ALA B 73 -22.54 45.34 -24.76
CA ALA B 73 -22.32 46.40 -25.73
C ALA B 73 -23.64 46.85 -26.33
N THR B 74 -23.83 48.16 -26.40
CA THR B 74 -25.03 48.74 -26.98
C THR B 74 -24.79 50.23 -27.19
N GLU B 75 -25.37 50.77 -28.27
CA GLU B 75 -25.21 52.18 -28.63
CA GLU B 75 -25.20 52.18 -28.63
C GLU B 75 -23.73 52.58 -28.72
N GLY B 76 -22.92 51.68 -29.28
CA GLY B 76 -21.52 51.98 -29.52
C GLY B 76 -20.62 52.00 -28.30
N ARG B 77 -21.12 51.64 -27.12
CA ARG B 77 -20.33 51.60 -25.91
C ARG B 77 -20.27 50.18 -25.38
N VAL B 78 -19.12 49.81 -24.81
CA VAL B 78 -18.84 48.44 -24.38
C VAL B 78 -18.46 48.47 -22.91
N ARG B 79 -19.36 47.99 -22.04
CA ARG B 79 -19.05 47.82 -20.64
C ARG B 79 -18.35 46.48 -20.44
N VAL B 80 -17.15 46.52 -19.86
CA VAL B 80 -16.32 45.33 -19.69
C VAL B 80 -16.29 44.96 -18.21
N ASN B 81 -16.41 43.67 -17.93
CA ASN B 81 -16.22 43.16 -16.58
C ASN B 81 -14.93 43.70 -15.99
N SER B 82 -15.00 44.15 -14.73
CA SER B 82 -13.86 44.83 -14.11
C SER B 82 -12.60 43.96 -14.14
N ALA B 83 -12.75 42.67 -13.80
CA ALA B 83 -11.62 41.76 -13.77
C ALA B 83 -11.08 41.43 -15.15
N TYR B 84 -11.83 41.73 -16.22
CA TYR B 84 -11.41 41.40 -17.57
C TYR B 84 -11.07 42.64 -18.40
N GLN B 85 -10.78 43.76 -17.73
CA GLN B 85 -10.37 44.96 -18.44
C GLN B 85 -9.08 44.71 -19.21
N ASP B 86 -9.01 45.29 -20.42
CA ASP B 86 -7.88 45.12 -21.34
C ASP B 86 -7.77 43.70 -21.87
N LYS B 87 -8.41 42.74 -21.20
CA LYS B 87 -8.31 41.34 -21.59
C LYS B 87 -9.28 41.00 -22.71
N VAL B 88 -10.54 41.44 -22.59
CA VAL B 88 -11.55 41.18 -23.59
C VAL B 88 -11.97 42.50 -24.23
N SER B 89 -12.43 42.42 -25.48
CA SER B 89 -12.83 43.59 -26.23
C SER B 89 -13.53 43.14 -27.51
N LEU B 90 -14.21 44.09 -28.16
CA LEU B 90 -14.83 43.90 -29.46
C LEU B 90 -14.04 44.69 -30.49
N PRO B 91 -13.06 44.08 -31.17
CA PRO B 91 -12.17 44.86 -32.05
C PRO B 91 -12.83 45.38 -33.31
N ASN B 92 -14.06 44.96 -33.62
CA ASN B 92 -14.74 45.39 -34.83
C ASN B 92 -16.02 46.15 -34.55
N TYR B 93 -16.36 46.39 -33.29
CA TYR B 93 -17.53 47.11 -32.84
C TYR B 93 -17.13 48.46 -32.24
N PRO B 94 -17.87 49.54 -32.51
CA PRO B 94 -19.06 49.57 -33.35
C PRO B 94 -18.77 49.98 -34.80
N ALA B 95 -17.51 49.87 -35.22
CA ALA B 95 -17.15 50.22 -36.59
C ALA B 95 -18.00 49.45 -37.60
N ILE B 96 -18.19 48.15 -37.35
CA ILE B 96 -19.13 47.31 -38.07
C ILE B 96 -20.22 46.89 -37.07
N PRO B 97 -21.41 47.48 -37.14
CA PRO B 97 -22.41 47.23 -36.09
C PRO B 97 -22.87 45.78 -36.01
N SER B 98 -22.68 44.98 -37.05
CA SER B 98 -23.14 43.60 -37.08
C SER B 98 -22.02 42.60 -36.81
N ASP B 99 -20.87 43.05 -36.33
CA ASP B 99 -19.72 42.17 -36.05
C ASP B 99 -19.45 42.20 -34.56
N ALA B 100 -19.90 41.15 -33.86
CA ALA B 100 -19.69 41.00 -32.42
C ALA B 100 -18.50 40.09 -32.12
N THR B 101 -17.44 40.20 -32.92
CA THR B 101 -16.26 39.37 -32.72
C THR B 101 -15.62 39.66 -31.37
N LEU B 102 -15.37 38.62 -30.59
CA LEU B 102 -14.74 38.74 -29.29
C LEU B 102 -13.26 38.39 -29.39
N GLU B 103 -12.43 39.17 -28.68
CA GLU B 103 -10.99 38.92 -28.58
C GLU B 103 -10.63 38.77 -27.12
N VAL B 104 -9.98 37.65 -26.79
CA VAL B 104 -9.51 37.38 -25.43
C VAL B 104 -8.00 37.25 -25.48
N GLN B 105 -7.30 38.05 -24.67
CA GLN B 105 -5.85 38.06 -24.63
C GLN B 105 -5.34 37.30 -23.41
N SER B 106 -4.15 36.72 -23.55
CA SER B 106 -3.47 36.00 -22.48
C SER B 106 -4.39 34.93 -21.88
N LEU B 107 -4.65 33.91 -22.69
CA LEU B 107 -5.57 32.85 -22.29
C LEU B 107 -5.03 32.09 -21.08
N ARG B 108 -5.88 31.93 -20.07
CA ARG B 108 -5.58 31.15 -18.88
C ARG B 108 -6.34 29.84 -18.91
N SER B 109 -6.00 28.96 -17.97
CA SER B 109 -6.74 27.72 -17.82
C SER B 109 -8.18 27.97 -17.40
N ASN B 110 -8.42 29.04 -16.62
CA ASN B 110 -9.76 29.39 -16.21
C ASN B 110 -10.57 30.01 -17.34
N ASP B 111 -9.92 30.46 -18.40
CA ASP B 111 -10.63 31.00 -19.56
C ASP B 111 -11.29 29.92 -20.39
N SER B 112 -11.11 28.65 -20.05
CA SER B 112 -11.82 27.57 -20.74
C SER B 112 -13.29 27.59 -20.34
N GLY B 113 -14.13 27.18 -21.28
CA GLY B 113 -15.56 27.10 -21.03
C GLY B 113 -16.34 27.29 -22.31
N VAL B 114 -17.65 27.41 -22.16
CA VAL B 114 -18.57 27.60 -23.27
C VAL B 114 -18.84 29.09 -23.39
N TYR B 115 -18.38 29.69 -24.49
CA TYR B 115 -18.58 31.12 -24.74
C TYR B 115 -19.89 31.33 -25.49
N ARG B 116 -20.72 32.22 -24.96
CA ARG B 116 -22.03 32.50 -25.54
C ARG B 116 -22.06 33.91 -26.09
N CYS B 117 -22.37 34.03 -27.39
CA CYS B 117 -22.57 35.32 -28.04
C CYS B 117 -24.08 35.56 -28.13
N GLU B 118 -24.57 36.52 -27.35
CA GLU B 118 -26.00 36.77 -27.23
C GLU B 118 -26.32 38.18 -27.69
N VAL B 119 -27.31 38.31 -28.57
CA VAL B 119 -27.71 39.59 -29.13
C VAL B 119 -29.21 39.77 -28.93
N MET B 120 -29.62 40.98 -28.56
CA MET B 120 -31.01 41.32 -28.33
C MET B 120 -31.42 42.46 -29.25
N HIS B 121 -32.61 42.33 -29.85
CA HIS B 121 -33.14 43.37 -30.73
C HIS B 121 -34.65 43.27 -30.86
N ASP B 125 -34.60 37.76 -28.56
CA ASP B 125 -33.15 37.60 -28.61
C ASP B 125 -32.77 36.17 -29.01
N SER B 126 -31.54 36.02 -29.52
CA SER B 126 -31.00 34.72 -29.89
C SER B 126 -29.55 34.66 -29.42
N GLU B 127 -28.89 33.53 -29.67
CA GLU B 127 -27.54 33.34 -29.18
C GLU B 127 -26.83 32.27 -29.99
N ALA B 128 -25.52 32.17 -29.77
CA ALA B 128 -24.68 31.14 -30.35
C ALA B 128 -23.58 30.81 -29.35
N THR B 129 -23.19 29.54 -29.31
CA THR B 129 -22.22 29.06 -28.33
C THR B 129 -21.00 28.48 -29.03
N LEU B 130 -19.93 28.34 -28.25
CA LEU B 130 -18.67 27.75 -28.73
C LEU B 130 -17.86 27.33 -27.51
N GLU B 131 -17.56 26.05 -27.40
CA GLU B 131 -16.73 25.56 -26.31
C GLU B 131 -15.26 25.84 -26.63
N VAL B 132 -14.54 26.33 -25.63
CA VAL B 132 -13.13 26.66 -25.76
C VAL B 132 -12.35 25.89 -24.70
N VAL B 133 -11.33 25.16 -25.14
CA VAL B 133 -10.45 24.40 -24.26
C VAL B 133 -9.06 25.02 -24.35
N VAL B 134 -8.58 25.55 -23.22
CA VAL B 134 -7.23 26.10 -23.14
C VAL B 134 -6.31 24.99 -22.66
N LYS B 135 -5.43 24.53 -23.54
CA LYS B 135 -4.57 23.39 -23.25
C LYS B 135 -3.27 23.84 -22.59
N GLY B 136 -2.83 23.06 -21.60
CA GLY B 136 -1.52 23.28 -21.04
C GLY B 136 -1.48 23.60 -19.56
N ILE B 137 -0.30 23.42 -18.96
CA ILE B 137 -0.05 23.79 -17.57
C ILE B 137 1.44 24.07 -17.43
N VAL B 138 1.76 25.10 -16.64
CA VAL B 138 3.14 25.47 -16.34
C VAL B 138 3.44 25.02 -14.91
N PHE B 139 4.57 24.33 -14.73
CA PHE B 139 5.02 23.90 -13.42
C PHE B 139 6.49 24.21 -13.24
N HIS B 140 6.86 24.46 -11.98
CA HIS B 140 8.26 24.64 -11.61
C HIS B 140 8.91 23.28 -11.40
N TYR B 141 10.17 23.17 -11.83
CA TYR B 141 10.89 21.91 -11.77
C TYR B 141 12.27 22.12 -11.18
N ARG B 142 12.57 21.39 -10.11
CA ARG B 142 13.89 21.35 -9.51
C ARG B 142 14.44 19.94 -9.73
N ALA B 143 15.59 19.86 -10.41
CA ALA B 143 16.08 18.59 -10.90
C ALA B 143 16.68 17.74 -9.78
N ILE B 144 17.01 16.50 -10.13
CA ILE B 144 17.61 15.57 -9.18
C ILE B 144 18.99 16.03 -8.75
N SER B 145 19.67 16.85 -9.57
CA SER B 145 20.91 17.49 -9.17
C SER B 145 20.68 18.59 -8.14
N THR B 146 19.42 18.93 -7.86
CA THR B 146 18.96 19.78 -6.76
C THR B 146 18.98 21.27 -7.14
N ARG B 147 18.84 22.15 -6.15
CA ARG B 147 18.45 23.53 -6.39
C ARG B 147 19.48 24.30 -7.20
N TYR B 148 19.00 25.01 -8.23
CA TYR B 148 19.82 25.93 -9.02
C TYR B 148 21.04 25.22 -9.59
N THR B 149 20.79 24.12 -10.29
CA THR B 149 21.86 23.33 -10.91
C THR B 149 21.68 23.18 -12.42
N LEU B 150 20.66 23.77 -13.01
CA LEU B 150 20.37 23.62 -14.43
C LEU B 150 20.83 24.87 -15.17
N ASP B 151 21.84 24.72 -16.04
CA ASP B 151 22.13 25.76 -16.99
C ASP B 151 21.06 25.77 -18.08
N PHE B 152 21.16 26.73 -19.01
CA PHE B 152 20.12 26.88 -20.02
C PHE B 152 19.92 25.60 -20.83
N ASP B 153 21.01 24.89 -21.13
CA ASP B 153 20.90 23.64 -21.88
CA ASP B 153 20.90 23.64 -21.88
C ASP B 153 20.20 22.57 -21.07
N ARG B 154 20.68 22.31 -19.84
CA ARG B 154 20.09 21.26 -19.02
C ARG B 154 18.68 21.61 -18.58
N ALA B 155 18.35 22.91 -18.51
CA ALA B 155 16.99 23.30 -18.20
C ALA B 155 16.01 22.82 -19.27
N GLN B 156 16.46 22.81 -20.53
CA GLN B 156 15.60 22.37 -21.62
C GLN B 156 15.45 20.85 -21.65
N ARG B 157 16.53 20.13 -21.35
CA ARG B 157 16.45 18.67 -21.33
CA ARG B 157 16.45 18.67 -21.32
C ARG B 157 15.62 18.16 -20.17
N ALA B 158 15.63 18.88 -19.04
CA ALA B 158 14.79 18.49 -17.91
C ALA B 158 13.32 18.51 -18.28
N CYS B 159 12.88 19.57 -18.98
CA CYS B 159 11.49 19.63 -19.42
C CYS B 159 11.18 18.52 -20.43
N LEU B 160 12.11 18.29 -21.37
CA LEU B 160 11.88 17.27 -22.39
C LEU B 160 11.79 15.88 -21.78
N GLN B 161 12.50 15.64 -20.68
CA GLN B 161 12.40 14.37 -19.98
C GLN B 161 11.15 14.26 -19.12
N ASN B 162 10.37 15.35 -18.97
CA ASN B 162 9.16 15.34 -18.17
C ASN B 162 7.93 15.67 -18.99
N SER B 163 7.92 15.25 -20.27
CA SER B 163 6.76 15.41 -21.15
C SER B 163 6.37 16.87 -21.33
N ALA B 164 7.36 17.74 -21.52
CA ALA B 164 7.11 19.17 -21.62
C ALA B 164 8.24 19.82 -22.39
N ILE B 165 8.08 21.12 -22.65
CA ILE B 165 9.13 21.96 -23.20
C ILE B 165 9.23 23.20 -22.33
N ILE B 166 10.39 23.86 -22.39
CA ILE B 166 10.64 25.01 -21.52
C ILE B 166 9.62 26.09 -21.82
N ALA B 167 9.09 26.69 -20.76
CA ALA B 167 7.95 27.60 -20.89
C ALA B 167 8.39 28.98 -21.35
N THR B 168 7.53 29.62 -22.13
CA THR B 168 7.74 30.99 -22.57
C THR B 168 7.25 31.96 -21.49
N PRO B 169 7.72 33.22 -21.53
CA PRO B 169 7.20 34.21 -20.57
C PRO B 169 5.69 34.39 -20.64
N GLU B 170 5.10 34.30 -21.84
CA GLU B 170 3.66 34.43 -21.96
C GLU B 170 2.93 33.31 -21.23
N GLN B 171 3.47 32.09 -21.29
CA GLN B 171 2.85 30.98 -20.58
C GLN B 171 2.99 31.13 -19.07
N LEU B 172 4.14 31.60 -18.61
CA LEU B 172 4.31 31.83 -17.17
C LEU B 172 3.41 32.96 -16.68
N GLN B 173 3.29 34.03 -17.47
CA GLN B 173 2.42 35.14 -17.10
C GLN B 173 0.97 34.68 -16.97
N ALA B 174 0.51 33.86 -17.91
CA ALA B 174 -0.85 33.33 -17.83
C ALA B 174 -1.04 32.48 -16.58
N ALA B 175 -0.07 31.62 -16.27
CA ALA B 175 -0.16 30.79 -15.07
C ALA B 175 -0.18 31.65 -13.82
N TYR B 176 0.60 32.73 -13.80
CA TYR B 176 0.59 33.64 -12.67
C TYR B 176 -0.80 34.25 -12.47
N GLU B 177 -1.47 34.62 -13.56
CA GLU B 177 -2.83 35.13 -13.47
C GLU B 177 -3.82 34.05 -13.03
N ASP B 178 -3.48 32.77 -13.19
CA ASP B 178 -4.29 31.69 -12.65
C ASP B 178 -4.00 31.41 -11.18
N GLY B 179 -3.06 32.12 -10.57
CA GLY B 179 -2.74 31.97 -9.17
C GLY B 179 -1.37 31.39 -8.86
N PHE B 180 -0.54 31.16 -9.87
CA PHE B 180 0.75 30.51 -9.66
C PHE B 180 1.66 31.39 -8.81
N HIS B 181 2.12 30.85 -7.69
CA HIS B 181 3.08 31.51 -6.81
C HIS B 181 4.23 30.54 -6.55
N GLN B 182 5.45 31.00 -6.81
CA GLN B 182 6.62 30.12 -6.69
C GLN B 182 7.85 31.00 -6.52
N CYS B 183 8.49 30.92 -5.36
CA CYS B 183 9.65 31.77 -5.06
C CYS B 183 10.96 31.06 -5.42
N ASP B 184 11.03 30.53 -6.64
CA ASP B 184 12.22 29.83 -7.13
C ASP B 184 12.53 30.32 -8.54
N ALA B 185 13.72 30.88 -8.72
CA ALA B 185 14.12 31.37 -10.04
C ALA B 185 14.34 30.21 -11.01
N GLY B 186 13.81 30.35 -12.21
CA GLY B 186 13.89 29.29 -13.20
C GLY B 186 14.05 29.85 -14.60
N TRP B 187 14.73 29.07 -15.45
CA TRP B 187 14.94 29.44 -16.83
C TRP B 187 13.63 29.47 -17.60
N LEU B 188 13.60 30.26 -18.67
CA LEU B 188 12.48 30.34 -19.59
C LEU B 188 12.98 30.22 -21.01
N ALA B 189 12.04 30.04 -21.95
CA ALA B 189 12.40 29.77 -23.33
C ALA B 189 13.14 30.94 -23.97
N ASP B 190 12.93 32.16 -23.48
CA ASP B 190 13.57 33.35 -24.02
C ASP B 190 14.90 33.66 -23.35
N GLN B 191 15.50 32.67 -22.67
CA GLN B 191 16.79 32.83 -22.00
C GLN B 191 16.73 33.86 -20.88
N THR B 192 15.56 34.03 -20.27
CA THR B 192 15.43 34.82 -19.06
C THR B 192 15.11 33.91 -17.89
N VAL B 193 15.45 34.38 -16.69
CA VAL B 193 15.22 33.65 -15.45
C VAL B 193 14.22 34.43 -14.63
N ARG B 194 13.06 33.82 -14.36
CA ARG B 194 11.94 34.52 -13.74
C ARG B 194 11.34 33.63 -12.66
N TYR B 195 10.41 34.21 -11.90
CA TYR B 195 9.59 33.45 -10.96
C TYR B 195 8.37 34.26 -10.59
N PRO B 196 7.18 33.65 -10.51
CA PRO B 196 5.96 34.41 -10.20
C PRO B 196 5.71 34.51 -8.71
N ILE B 197 5.25 35.69 -8.28
CA ILE B 197 5.01 35.98 -6.88
C ILE B 197 3.68 36.70 -6.73
N HIS B 198 2.79 36.16 -5.88
CA HIS B 198 1.59 36.86 -5.47
C HIS B 198 1.73 37.51 -4.10
N THR B 199 2.47 36.89 -3.20
CA THR B 199 2.68 37.41 -1.84
C THR B 199 4.15 37.77 -1.66
N PRO B 200 4.53 39.02 -1.87
CA PRO B 200 5.94 39.40 -1.68
C PRO B 200 6.35 39.28 -0.22
N ARG B 201 7.65 39.06 -0.03
CA ARG B 201 8.26 38.94 1.29
C ARG B 201 9.77 38.91 1.07
N GLU B 202 10.53 38.92 2.17
CA GLU B 202 11.98 38.86 2.07
C GLU B 202 12.40 37.56 1.42
N GLY B 203 13.28 37.66 0.42
CA GLY B 203 13.74 36.54 -0.36
C GLY B 203 13.00 36.35 -1.67
N CYS B 204 11.83 36.97 -1.82
CA CYS B 204 11.03 36.85 -3.04
C CYS B 204 10.71 38.21 -3.66
N TYR B 205 11.29 39.28 -3.13
CA TYR B 205 11.03 40.62 -3.67
C TYR B 205 11.48 40.73 -5.11
N GLY B 206 12.76 40.42 -5.37
CA GLY B 206 13.27 40.54 -6.73
C GLY B 206 13.34 41.99 -7.17
N ASP B 207 12.99 42.22 -8.42
CA ASP B 207 13.00 43.55 -9.00
C ASP B 207 11.72 44.34 -8.75
N LYS B 208 10.69 43.70 -8.18
CA LYS B 208 9.38 44.31 -8.08
C LYS B 208 8.95 44.61 -6.64
N ASP B 209 9.82 44.34 -5.66
CA ASP B 209 9.62 44.73 -4.25
C ASP B 209 8.27 44.21 -3.78
N GLU B 210 7.45 45.02 -3.11
CA GLU B 210 6.18 44.57 -2.56
C GLU B 210 5.05 44.54 -3.58
N PHE B 211 5.32 44.90 -4.83
CA PHE B 211 4.23 44.78 -5.79
C PHE B 211 4.16 43.36 -6.34
N PRO B 212 2.96 42.80 -6.51
CA PRO B 212 2.85 41.46 -7.07
C PRO B 212 3.25 41.43 -8.53
N GLY B 213 3.50 40.22 -9.03
CA GLY B 213 3.90 40.04 -10.41
C GLY B 213 5.02 39.03 -10.58
N VAL B 214 5.35 38.74 -11.84
CA VAL B 214 6.44 37.81 -12.16
C VAL B 214 7.76 38.58 -12.11
N ARG B 215 8.62 38.20 -11.19
CA ARG B 215 9.95 38.80 -11.13
C ARG B 215 10.76 38.34 -12.34
N THR B 216 11.88 39.03 -12.56
CA THR B 216 12.76 38.69 -13.69
C THR B 216 14.16 39.17 -13.38
N TYR B 217 15.15 38.34 -13.73
CA TYR B 217 16.55 38.74 -13.72
C TYR B 217 17.02 39.20 -15.09
N GLY B 218 16.10 39.30 -16.06
CA GLY B 218 16.48 39.63 -17.42
C GLY B 218 17.12 38.43 -18.12
N ILE B 219 17.79 38.72 -19.23
CA ILE B 219 18.50 37.69 -19.98
C ILE B 219 19.80 37.38 -19.26
N ARG B 220 20.08 36.09 -19.07
CA ARG B 220 21.24 35.64 -18.32
C ARG B 220 22.15 34.79 -19.20
N ASP B 221 23.43 34.79 -18.86
CA ASP B 221 24.39 33.93 -19.55
C ASP B 221 23.97 32.47 -19.40
N THR B 222 24.18 31.69 -20.47
CA THR B 222 23.65 30.33 -20.51
C THR B 222 24.32 29.40 -19.49
N ASN B 223 25.50 29.74 -19.00
CA ASN B 223 26.19 28.90 -18.04
C ASN B 223 25.75 29.15 -16.60
N GLU B 224 24.84 30.09 -16.37
CA GLU B 224 24.29 30.30 -15.03
C GLU B 224 23.28 29.20 -14.72
N THR B 225 23.23 28.83 -13.45
CA THR B 225 22.45 27.67 -13.01
C THR B 225 21.27 28.11 -12.17
N TYR B 226 20.07 27.68 -12.58
CA TYR B 226 18.84 27.94 -11.86
C TYR B 226 17.97 26.70 -11.97
N ASP B 227 16.72 26.81 -11.53
CA ASP B 227 15.74 25.79 -11.85
C ASP B 227 15.14 26.10 -13.22
N VAL B 228 13.92 25.65 -13.49
CA VAL B 228 13.31 25.85 -14.80
C VAL B 228 11.80 25.75 -14.65
N TYR B 229 11.08 26.43 -15.53
CA TYR B 229 9.63 26.34 -15.62
C TYR B 229 9.27 25.64 -16.94
N CYS B 230 8.58 24.51 -16.83
CA CYS B 230 8.22 23.71 -17.98
C CYS B 230 6.75 23.88 -18.32
N PHE B 231 6.44 23.72 -19.60
CA PHE B 231 5.07 23.82 -20.11
C PHE B 231 4.68 22.47 -20.70
N ALA B 232 3.76 21.78 -20.04
CA ALA B 232 3.21 20.53 -20.55
C ALA B 232 1.92 20.84 -21.30
N GLU B 233 1.90 20.59 -22.61
CA GLU B 233 0.76 20.96 -23.43
C GLU B 233 -0.42 20.01 -23.22
N GLU B 234 -0.18 18.71 -23.43
CA GLU B 234 -1.26 17.73 -23.33
C GLU B 234 -0.66 16.35 -23.14
N MET B 235 -1.53 15.37 -22.94
CA MET B 235 -1.14 13.97 -22.87
C MET B 235 -2.31 13.12 -23.35
N GLU B 236 -1.99 12.03 -24.03
CA GLU B 236 -3.03 11.17 -24.58
C GLU B 236 -3.61 10.24 -23.52
N GLY B 237 -2.76 9.61 -22.73
CA GLY B 237 -3.16 8.54 -21.83
C GLY B 237 -3.61 9.02 -20.47
N GLU B 238 -3.58 8.09 -19.51
CA GLU B 238 -4.11 8.30 -18.18
C GLU B 238 -3.03 7.99 -17.15
N VAL B 239 -3.07 8.73 -16.04
CA VAL B 239 -2.17 8.53 -14.91
C VAL B 239 -2.93 7.80 -13.80
N PHE B 240 -2.29 6.83 -13.17
CA PHE B 240 -2.95 6.03 -12.15
C PHE B 240 -1.93 5.47 -11.18
N TYR B 241 -2.38 5.21 -9.95
CA TYR B 241 -1.52 4.67 -8.90
C TYR B 241 -1.51 3.15 -8.92
N ALA B 242 -0.35 2.58 -8.61
CA ALA B 242 -0.18 1.15 -8.41
C ALA B 242 0.59 0.95 -7.12
N THR B 243 0.10 0.07 -6.26
CA THR B 243 0.67 -0.08 -4.93
C THR B 243 0.69 -1.56 -4.54
N SER B 244 1.26 -1.83 -3.37
CA SER B 244 1.38 -3.16 -2.81
C SER B 244 1.44 -3.02 -1.29
N PRO B 245 1.21 -4.11 -0.55
CA PRO B 245 1.29 -4.00 0.92
C PRO B 245 2.61 -3.44 1.41
N GLU B 246 3.73 -3.85 0.83
CA GLU B 246 5.05 -3.41 1.24
C GLU B 246 5.55 -2.20 0.45
N LYS B 247 4.77 -1.71 -0.52
CA LYS B 247 5.14 -0.59 -1.37
C LYS B 247 6.40 -0.90 -2.19
N PHE B 248 6.91 0.08 -2.92
CA PHE B 248 7.95 -0.17 -3.92
C PHE B 248 9.14 0.76 -3.73
N THR B 249 10.34 0.19 -3.91
CA THR B 249 11.50 1.01 -4.24
C THR B 249 11.34 1.58 -5.64
N PHE B 250 12.24 2.48 -6.02
CA PHE B 250 12.11 3.12 -7.33
C PHE B 250 12.11 2.08 -8.45
N GLN B 251 13.10 1.19 -8.45
CA GLN B 251 13.20 0.19 -9.52
C GLN B 251 12.05 -0.80 -9.47
N GLU B 252 11.60 -1.15 -8.26
CA GLU B 252 10.42 -2.00 -8.12
C GLU B 252 9.18 -1.30 -8.67
N ALA B 253 9.08 0.01 -8.47
CA ALA B 253 7.96 0.76 -9.03
C ALA B 253 8.04 0.82 -10.55
N ALA B 254 9.25 0.93 -11.09
CA ALA B 254 9.40 0.91 -12.54
C ALA B 254 9.00 -0.43 -13.14
N ASN B 255 9.28 -1.52 -12.42
CA ASN B 255 8.90 -2.84 -12.90
C ASN B 255 7.40 -3.09 -12.78
N GLU B 256 6.77 -2.52 -11.75
CA GLU B 256 5.34 -2.73 -11.56
C GLU B 256 4.53 -2.06 -12.66
N CYS B 257 4.86 -0.80 -13.01
CA CYS B 257 4.16 -0.13 -14.09
C CYS B 257 4.32 -0.91 -15.40
N ARG B 258 5.52 -1.44 -15.65
CA ARG B 258 5.73 -2.21 -16.87
C ARG B 258 4.95 -3.52 -16.84
N ARG B 259 4.85 -4.15 -15.66
CA ARG B 259 4.08 -5.39 -15.55
C ARG B 259 2.62 -5.17 -15.89
N LEU B 260 2.08 -4.01 -15.52
CA LEU B 260 0.69 -3.66 -15.81
C LEU B 260 0.51 -3.11 -17.22
N GLY B 261 1.50 -3.28 -18.09
CA GLY B 261 1.39 -2.74 -19.44
C GLY B 261 1.47 -1.23 -19.52
N ALA B 262 2.17 -0.59 -18.58
CA ALA B 262 2.28 0.86 -18.55
C ALA B 262 3.74 1.22 -18.31
N ARG B 263 3.97 2.43 -17.79
CA ARG B 263 5.30 2.92 -17.50
C ARG B 263 5.18 4.02 -16.46
N LEU B 264 6.30 4.29 -15.78
CA LEU B 264 6.33 5.36 -14.80
C LEU B 264 5.99 6.70 -15.46
N ALA B 265 5.06 7.42 -14.85
CA ALA B 265 4.65 8.72 -15.36
C ALA B 265 5.69 9.78 -15.06
N THR B 266 5.74 10.80 -15.91
CA THR B 266 6.64 11.92 -15.72
C THR B 266 6.01 12.98 -14.82
N THR B 267 6.81 13.97 -14.45
CA THR B 267 6.29 15.06 -13.63
C THR B 267 5.25 15.87 -14.41
N GLY B 268 5.51 16.12 -15.70
CA GLY B 268 4.55 16.85 -16.51
C GLY B 268 3.23 16.14 -16.64
N GLN B 269 3.26 14.80 -16.77
CA GLN B 269 2.03 14.05 -16.85
C GLN B 269 1.27 14.05 -15.53
N LEU B 270 1.98 14.13 -14.40
CA LEU B 270 1.30 14.21 -13.12
C LEU B 270 0.63 15.57 -12.93
N TYR B 271 1.31 16.65 -13.35
CA TYR B 271 0.69 17.97 -13.28
C TYR B 271 -0.53 18.06 -14.18
N LEU B 272 -0.49 17.39 -15.35
CA LEU B 272 -1.66 17.34 -16.20
C LEU B 272 -2.78 16.53 -15.57
N ALA B 273 -2.44 15.41 -14.92
CA ALA B 273 -3.45 14.61 -14.25
C ALA B 273 -4.08 15.38 -13.09
N TRP B 274 -3.25 16.10 -12.31
CA TRP B 274 -3.80 16.91 -11.23
C TRP B 274 -4.74 17.98 -11.77
N GLN B 275 -4.34 18.66 -12.84
CA GLN B 275 -5.18 19.72 -13.41
C GLN B 275 -6.55 19.18 -13.80
N ALA B 276 -6.61 17.94 -14.28
CA ALA B 276 -7.87 17.27 -14.57
C ALA B 276 -8.56 16.74 -13.33
N GLY B 277 -8.05 17.07 -12.14
CA GLY B 277 -8.73 16.77 -10.90
C GLY B 277 -8.23 15.56 -10.14
N MET B 278 -7.10 14.99 -10.50
CA MET B 278 -6.61 13.80 -9.81
C MET B 278 -6.22 14.14 -8.37
N ASP B 279 -6.48 13.20 -7.46
CA ASP B 279 -6.22 13.40 -6.04
C ASP B 279 -5.86 12.07 -5.42
N MET B 280 -4.73 12.03 -4.71
CA MET B 280 -4.31 10.81 -4.02
C MET B 280 -3.38 11.22 -2.88
N CYS B 281 -3.74 10.81 -1.66
CA CYS B 281 -2.97 11.19 -0.48
C CYS B 281 -1.94 10.11 -0.13
N SER B 282 -1.01 9.93 -1.06
CA SER B 282 0.07 8.96 -0.88
C SER B 282 1.18 9.28 -1.86
N ALA B 283 2.41 9.39 -1.35
CA ALA B 283 3.54 9.72 -2.19
C ALA B 283 3.90 8.56 -3.10
N GLY B 284 4.32 8.87 -4.32
CA GLY B 284 4.61 7.84 -5.31
C GLY B 284 5.79 8.23 -6.19
N TRP B 285 6.43 7.20 -6.75
CA TRP B 285 7.59 7.40 -7.61
C TRP B 285 7.17 7.87 -8.99
N LEU B 286 7.94 8.81 -9.54
CA LEU B 286 7.80 9.25 -10.92
C LEU B 286 9.04 8.86 -11.71
N ALA B 287 8.91 8.91 -13.04
CA ALA B 287 9.96 8.40 -13.92
C ALA B 287 11.29 9.13 -13.75
N ASP B 288 11.27 10.37 -13.26
CA ASP B 288 12.50 11.13 -13.05
C ASP B 288 13.12 10.87 -11.68
N ARG B 289 12.76 9.76 -11.04
CA ARG B 289 13.27 9.35 -9.74
C ARG B 289 12.86 10.29 -8.61
N SER B 290 11.80 11.07 -8.82
CA SER B 290 11.26 11.95 -7.79
C SER B 290 10.04 11.31 -7.13
N VAL B 291 9.61 11.92 -6.02
CA VAL B 291 8.49 11.40 -5.23
C VAL B 291 7.49 12.53 -5.04
N ARG B 292 6.31 12.39 -5.62
CA ARG B 292 5.29 13.42 -5.62
C ARG B 292 3.92 12.79 -5.42
N TYR B 293 2.91 13.64 -5.25
CA TYR B 293 1.52 13.17 -5.16
C TYR B 293 0.57 14.34 -5.39
N PRO B 294 -0.53 14.12 -6.12
CA PRO B 294 -1.45 15.22 -6.44
C PRO B 294 -2.58 15.34 -5.44
N ILE B 295 -3.04 16.59 -5.26
CA ILE B 295 -4.12 16.91 -4.33
C ILE B 295 -4.98 18.01 -4.94
N SER B 296 -6.27 17.76 -5.05
CA SER B 296 -7.23 18.75 -5.54
CA SER B 296 -7.24 18.74 -5.55
C SER B 296 -8.33 19.05 -4.53
N LYS B 297 -8.20 18.56 -3.31
CA LYS B 297 -9.14 18.85 -2.21
C LYS B 297 -8.29 19.21 -1.00
N ALA B 298 -8.29 20.48 -0.62
CA ALA B 298 -7.42 20.96 0.45
C ALA B 298 -7.86 20.37 1.79
N ARG B 299 -7.02 19.50 2.35
CA ARG B 299 -7.22 18.89 3.65
C ARG B 299 -6.03 19.20 4.56
N PRO B 300 -6.21 19.17 5.88
CA PRO B 300 -5.08 19.39 6.79
C PRO B 300 -4.03 18.30 6.70
N ASN B 301 -4.45 17.04 6.77
CA ASN B 301 -3.51 15.92 6.81
C ASN B 301 -3.07 15.46 5.42
N CYS B 302 -3.58 16.06 4.35
CA CYS B 302 -3.19 15.69 2.99
C CYS B 302 -2.86 16.97 2.23
N GLY B 303 -1.58 17.31 2.21
CA GLY B 303 -1.09 18.49 1.52
C GLY B 303 -1.01 19.74 2.35
N GLY B 304 -1.36 19.69 3.63
CA GLY B 304 -1.30 20.87 4.47
C GLY B 304 -2.20 21.99 4.01
N ASN B 305 -3.44 21.66 3.62
CA ASN B 305 -4.43 22.64 3.19
C ASN B 305 -3.97 23.40 1.94
N LEU B 306 -3.15 22.75 1.12
CA LEU B 306 -2.68 23.32 -0.15
C LEU B 306 -3.12 22.43 -1.30
N LEU B 307 -3.40 23.07 -2.43
CA LEU B 307 -3.72 22.37 -3.66
C LEU B 307 -2.51 22.34 -4.58
N GLY B 308 -2.43 21.31 -5.40
CA GLY B 308 -1.36 21.17 -6.37
C GLY B 308 -0.59 19.88 -6.18
N VAL B 309 0.56 19.82 -6.85
CA VAL B 309 1.44 18.66 -6.79
C VAL B 309 2.45 18.89 -5.67
N ARG B 310 2.35 18.10 -4.60
CA ARG B 310 3.31 18.16 -3.51
C ARG B 310 4.50 17.26 -3.83
N THR B 311 5.70 17.78 -3.61
CA THR B 311 6.93 17.05 -3.87
C THR B 311 7.63 16.73 -2.56
N VAL B 312 8.08 15.48 -2.42
CA VAL B 312 8.79 15.05 -1.22
C VAL B 312 10.28 15.25 -1.43
N TYR B 313 10.91 15.94 -0.48
CA TYR B 313 12.35 16.16 -0.50
C TYR B 313 12.99 15.54 0.73
N VAL B 314 14.31 15.39 0.67
CA VAL B 314 15.05 14.81 1.79
C VAL B 314 15.30 15.87 2.87
N HIS B 315 15.68 17.07 2.46
CA HIS B 315 15.99 18.15 3.39
C HIS B 315 14.85 19.17 3.42
N ALA B 316 14.76 19.88 4.55
CA ALA B 316 13.66 20.81 4.78
C ALA B 316 13.68 21.99 3.83
N ASN B 317 14.84 22.35 3.28
CA ASN B 317 14.93 23.44 2.32
C ASN B 317 14.54 23.01 0.90
N GLN B 318 13.80 21.91 0.77
CA GLN B 318 13.30 21.42 -0.51
C GLN B 318 14.44 21.03 -1.45
N THR B 319 15.35 20.21 -0.93
CA THR B 319 16.53 19.76 -1.67
C THR B 319 16.67 18.25 -1.52
N GLY B 320 17.01 17.58 -2.63
CA GLY B 320 17.32 16.17 -2.61
C GLY B 320 16.14 15.23 -2.81
N TYR B 321 16.12 14.52 -3.93
CA TYR B 321 15.10 13.50 -4.14
C TYR B 321 15.33 12.34 -3.16
N PRO B 322 14.27 11.62 -2.80
CA PRO B 322 14.43 10.51 -1.85
C PRO B 322 15.32 9.41 -2.40
N ASP B 323 15.93 8.67 -1.47
CA ASP B 323 16.83 7.58 -1.82
C ASP B 323 16.07 6.55 -2.66
N PRO B 324 16.72 5.94 -3.66
CA PRO B 324 16.02 4.95 -4.49
C PRO B 324 15.54 3.73 -3.72
N SER B 325 16.06 3.48 -2.52
CA SER B 325 15.61 2.35 -1.71
C SER B 325 14.40 2.68 -0.86
N SER B 326 14.05 3.96 -0.72
CA SER B 326 12.84 4.32 -0.02
C SER B 326 11.63 3.66 -0.67
N ARG B 327 10.61 3.39 0.13
CA ARG B 327 9.44 2.65 -0.32
C ARG B 327 8.27 3.61 -0.49
N TYR B 328 7.70 3.62 -1.69
CA TYR B 328 6.54 4.46 -2.01
C TYR B 328 5.66 3.69 -2.99
N ASP B 329 4.60 4.35 -3.44
CA ASP B 329 3.73 3.77 -4.46
C ASP B 329 4.32 4.01 -5.83
N ALA B 330 3.69 3.42 -6.85
CA ALA B 330 4.08 3.63 -8.24
C ALA B 330 3.03 4.50 -8.94
N ILE B 331 3.47 5.57 -9.57
CA ILE B 331 2.60 6.44 -10.34
C ILE B 331 2.84 6.12 -11.81
N CYS B 332 1.89 5.42 -12.43
CA CYS B 332 2.06 4.91 -13.78
C CYS B 332 1.34 5.77 -14.81
N TYR B 333 1.64 5.50 -16.07
CA TYR B 333 1.02 6.19 -17.21
C TYR B 333 0.82 5.18 -18.32
N THR B 334 -0.40 5.12 -18.85
CA THR B 334 -0.71 4.19 -19.94
C THR B 334 -0.04 4.60 -21.23
#